data_7PN7
#
_entry.id   7PN7
#
_cell.length_a   51.246
_cell.length_b   57.897
_cell.length_c   60.965
_cell.angle_alpha   90.000
_cell.angle_beta   109.830
_cell.angle_gamma   90.000
#
_symmetry.space_group_name_H-M   'P 1 21 1'
#
loop_
_entity.id
_entity.type
_entity.pdbx_description
1 polymer 'Aromatic peroxygenase'
2 non-polymer 'PHOSPHATE ION'
3 non-polymer 'PROTOPORPHYRIN IX CONTAINING FE'
4 non-polymer 'MAGNESIUM ION'
5 non-polymer 'CHLORIDE ION'
6 non-polymer 2-acetamido-2-deoxy-beta-D-glucopyranose
7 non-polymer 'PALMITOLEIC ACID'
8 water water
#
_entity_poly.entity_id   1
_entity_poly.type   'polypeptide(L)'
_entity_poly.pdbx_seq_one_letter_code
;EPGLPPGPLENSSAKLVNDEAHPWKPLRPGDIRGPCPGLNTLASHGYLPRNGVATPAQIINAVQEGFNFDNQAAIFLTYA
AHLVDGNLITDLLSIGRKTRLTGPDPPPPASVGGLNEHGTFEGDASMTRGDAFFGNNHDFNETLFEQLVDYSNRFGGGKY
NLTVAGELRFKRIQDSIATNPNFSFVDFRFFTAYGETTFPANLFVDGRRDDGQLDMDAARSFFQFSRMPDDFFRAPSPRS
GTGVEVVVQAHPMQPGRNVGKINSYTVDPTSSDFSTPCLMYEKFVNITVKSLYPNPTVQLRKALNTNLDFLFQGVAAGCT
QVFPYGRD
;
_entity_poly.pdbx_strand_id   A
#
# COMPACT_ATOMS: atom_id res chain seq x y z
N GLY A 3 6.99 -8.32 18.19
CA GLY A 3 7.03 -9.78 17.95
C GLY A 3 7.70 -10.09 16.62
N LEU A 4 8.08 -11.36 16.39
CA LEU A 4 8.72 -11.76 15.12
C LEU A 4 7.68 -11.66 14.01
N PRO A 5 8.10 -11.40 12.74
CA PRO A 5 7.14 -11.43 11.65
C PRO A 5 6.50 -12.81 11.56
N PRO A 6 5.17 -12.89 11.36
CA PRO A 6 4.53 -14.18 11.11
C PRO A 6 5.11 -14.85 9.86
N GLY A 7 5.06 -16.18 9.85
CA GLY A 7 5.45 -16.98 8.69
C GLY A 7 4.26 -17.16 7.75
N PRO A 8 4.46 -17.86 6.62
CA PRO A 8 3.40 -18.06 5.64
C PRO A 8 2.26 -18.90 6.21
N LEU A 9 1.11 -18.91 5.52
CA LEU A 9 -0.05 -19.74 5.94
C LEU A 9 0.34 -21.21 5.92
N GLU A 10 -0.08 -21.96 6.94
CA GLU A 10 0.06 -23.44 6.98
C GLU A 10 -0.86 -24.03 5.91
N ASN A 11 -2.02 -23.41 5.66
CA ASN A 11 -3.00 -23.87 4.64
C ASN A 11 -3.46 -22.65 3.83
N SER A 12 -3.02 -22.54 2.57
CA SER A 12 -3.26 -21.35 1.71
C SER A 12 -4.38 -21.61 0.68
N SER A 13 -5.27 -22.56 0.95
CA SER A 13 -6.42 -22.89 0.08
C SER A 13 -7.41 -21.71 0.00
N ALA A 14 -8.18 -21.60 -1.08
CA ALA A 14 -9.35 -20.70 -1.10
C ALA A 14 -10.31 -21.15 0.00
N LYS A 15 -10.92 -20.21 0.69
CA LYS A 15 -11.96 -20.50 1.70
C LYS A 15 -12.82 -19.27 1.89
N LEU A 16 -14.00 -19.45 2.47
CA LEU A 16 -14.88 -18.30 2.81
C LEU A 16 -14.16 -17.45 3.84
N VAL A 17 -13.97 -16.16 3.56
CA VAL A 17 -13.33 -15.26 4.56
C VAL A 17 -14.37 -14.27 5.07
N ASN A 18 -15.48 -14.09 4.35
CA ASN A 18 -16.66 -13.35 4.85
C ASN A 18 -17.52 -14.33 5.65
N ASP A 19 -17.04 -14.69 6.84
CA ASP A 19 -17.61 -15.83 7.61
C ASP A 19 -18.20 -15.31 8.93
N GLU A 20 -18.73 -16.20 9.75
CA GLU A 20 -19.50 -15.81 10.96
C GLU A 20 -18.58 -15.08 11.95
N ALA A 21 -17.30 -15.44 12.01
CA ALA A 21 -16.32 -14.84 12.94
C ALA A 21 -15.85 -13.47 12.42
N HIS A 22 -16.09 -13.12 11.15
CA HIS A 22 -15.53 -11.89 10.53
C HIS A 22 -16.60 -11.14 9.76
N PRO A 23 -17.69 -10.70 10.43
CA PRO A 23 -18.76 -9.96 9.78
C PRO A 23 -18.32 -8.52 9.52
N TRP A 24 -18.80 -7.95 8.42
CA TRP A 24 -18.65 -6.50 8.18
C TRP A 24 -19.43 -5.75 9.26
N LYS A 25 -18.85 -4.69 9.80
CA LYS A 25 -19.57 -3.75 10.67
C LYS A 25 -19.24 -2.32 10.24
N PRO A 26 -20.19 -1.39 10.39
CA PRO A 26 -19.97 0.02 10.11
C PRO A 26 -18.99 0.63 11.11
N LEU A 27 -18.50 1.81 10.78
CA LEU A 27 -17.54 2.54 11.63
C LEU A 27 -18.27 3.03 12.89
N ARG A 28 -17.58 2.92 14.03
CA ARG A 28 -17.96 3.59 15.30
C ARG A 28 -17.19 4.90 15.38
N PRO A 29 -17.65 5.87 16.19
CA PRO A 29 -16.87 7.09 16.42
C PRO A 29 -15.43 6.74 16.84
N GLY A 30 -14.46 7.37 16.17
CA GLY A 30 -13.04 7.16 16.45
C GLY A 30 -12.40 6.07 15.59
N ASP A 31 -13.19 5.22 14.91
CA ASP A 31 -12.61 4.15 14.06
C ASP A 31 -11.88 4.80 12.88
N ILE A 32 -10.69 4.29 12.56
CA ILE A 32 -9.77 4.90 11.55
C ILE A 32 -9.76 4.02 10.30
N ARG A 33 -10.05 4.63 9.14
CA ARG A 33 -9.81 4.01 7.81
C ARG A 33 -8.95 4.96 6.99
N GLY A 34 -8.20 4.42 6.04
CA GLY A 34 -7.15 5.19 5.36
C GLY A 34 -7.17 4.94 3.87
N PRO A 35 -6.00 5.12 3.23
CA PRO A 35 -5.89 5.09 1.77
C PRO A 35 -5.84 3.69 1.16
N CYS A 36 -5.77 2.64 1.99
CA CYS A 36 -5.62 1.24 1.51
C CYS A 36 -6.93 0.48 1.65
N PRO A 37 -7.61 0.14 0.54
CA PRO A 37 -8.86 -0.60 0.63
C PRO A 37 -8.67 -2.01 1.21
N GLY A 38 -7.48 -2.60 1.07
CA GLY A 38 -7.20 -3.94 1.62
C GLY A 38 -7.21 -3.92 3.14
N LEU A 39 -6.37 -3.10 3.74
CA LEU A 39 -6.34 -2.99 5.22
C LEU A 39 -7.70 -2.48 5.74
N ASN A 40 -8.33 -1.53 5.06
CA ASN A 40 -9.65 -1.00 5.50
C ASN A 40 -10.66 -2.13 5.59
N THR A 41 -10.69 -3.01 4.58
CA THR A 41 -11.63 -4.15 4.55
C THR A 41 -11.31 -5.12 5.69
N LEU A 42 -10.04 -5.40 5.94
CA LEU A 42 -9.65 -6.33 7.02
C LEU A 42 -10.08 -5.74 8.37
N ALA A 43 -9.93 -4.43 8.57
CA ALA A 43 -10.39 -3.78 9.83
C ALA A 43 -11.92 -3.90 9.94
N SER A 44 -12.64 -3.61 8.85
CA SER A 44 -14.12 -3.59 8.87
C SER A 44 -14.73 -5.00 8.95
N HIS A 45 -13.93 -6.07 8.80
CA HIS A 45 -14.36 -7.47 9.04
C HIS A 45 -13.72 -8.07 10.29
N GLY A 46 -12.99 -7.26 11.07
CA GLY A 46 -12.38 -7.72 12.33
C GLY A 46 -11.24 -8.70 12.14
N TYR A 47 -10.61 -8.76 10.95
CA TYR A 47 -9.31 -9.45 10.76
C TYR A 47 -8.20 -8.63 11.42
N LEU A 48 -8.37 -7.31 11.40
CA LEU A 48 -7.59 -6.32 12.17
C LEU A 48 -8.48 -5.77 13.26
N PRO A 49 -7.93 -5.14 14.33
CA PRO A 49 -8.75 -4.36 15.25
C PRO A 49 -9.63 -3.37 14.48
N ARG A 50 -10.91 -3.28 14.86
CA ARG A 50 -11.92 -2.53 14.09
C ARG A 50 -11.65 -1.02 14.20
N ASN A 51 -10.86 -0.57 15.18
CA ASN A 51 -10.51 0.87 15.34
C ASN A 51 -9.41 1.29 14.33
N GLY A 52 -8.82 0.34 13.58
CA GLY A 52 -7.82 0.66 12.54
C GLY A 52 -6.44 0.96 13.11
N VAL A 53 -6.15 0.51 14.33
CA VAL A 53 -4.78 0.61 14.92
C VAL A 53 -4.30 -0.81 15.20
N ALA A 54 -3.14 -1.20 14.66
CA ALA A 54 -2.69 -2.61 14.68
C ALA A 54 -1.18 -2.69 14.86
N THR A 55 -0.70 -3.85 15.33
CA THR A 55 0.74 -4.20 15.30
C THR A 55 1.11 -4.69 13.91
N PRO A 56 2.39 -4.58 13.52
CA PRO A 56 2.86 -5.20 12.27
C PRO A 56 2.48 -6.69 12.19
N ALA A 57 2.62 -7.45 13.28
CA ALA A 57 2.29 -8.90 13.31
C ALA A 57 0.79 -9.09 13.04
N GLN A 58 -0.07 -8.23 13.58
CA GLN A 58 -1.53 -8.28 13.28
C GLN A 58 -1.78 -7.99 11.81
N ILE A 59 -1.09 -7.02 11.21
CA ILE A 59 -1.33 -6.65 9.77
C ILE A 59 -0.93 -7.84 8.90
N ILE A 60 0.23 -8.45 9.16
CA ILE A 60 0.76 -9.53 8.28
C ILE A 60 -0.19 -10.73 8.37
N ASN A 61 -0.58 -11.10 9.59
CA ASN A 61 -1.57 -12.20 9.79
C ASN A 61 -2.88 -11.89 9.09
N ALA A 62 -3.36 -10.65 9.16
CA ALA A 62 -4.65 -10.26 8.53
C ALA A 62 -4.55 -10.36 7.01
N VAL A 63 -3.51 -9.81 6.38
CA VAL A 63 -3.49 -9.79 4.88
C VAL A 63 -3.35 -11.22 4.35
N GLN A 64 -2.67 -12.08 5.11
CA GLN A 64 -2.50 -13.50 4.72
C GLN A 64 -3.85 -14.22 4.89
N GLU A 65 -4.44 -14.12 6.08
N GLU A 65 -4.42 -14.16 6.08
CA GLU A 65 -5.64 -14.90 6.45
CA GLU A 65 -5.65 -14.92 6.42
C GLU A 65 -6.85 -14.44 5.63
C GLU A 65 -6.80 -14.44 5.53
N GLY A 66 -7.02 -13.13 5.44
CA GLY A 66 -8.22 -12.57 4.80
C GLY A 66 -8.13 -12.58 3.28
N PHE A 67 -6.93 -12.40 2.72
CA PHE A 67 -6.79 -12.20 1.24
C PHE A 67 -5.75 -13.13 0.61
N ASN A 68 -4.97 -13.88 1.37
CA ASN A 68 -3.88 -14.74 0.82
C ASN A 68 -2.82 -13.85 0.16
N PHE A 69 -2.55 -12.68 0.75
CA PHE A 69 -1.36 -11.87 0.40
C PHE A 69 -0.12 -12.71 0.73
N ASP A 70 0.90 -12.71 -0.13
CA ASP A 70 2.06 -13.59 0.11
C ASP A 70 2.95 -12.99 1.21
N ASN A 71 3.67 -13.89 1.88
CA ASN A 71 4.42 -13.57 3.13
C ASN A 71 5.48 -12.51 2.85
N GLN A 72 6.27 -12.66 1.78
CA GLN A 72 7.40 -11.73 1.53
C GLN A 72 6.83 -10.33 1.28
N ALA A 73 5.78 -10.23 0.46
CA ALA A 73 5.16 -8.92 0.14
C ALA A 73 4.55 -8.33 1.41
N ALA A 74 3.90 -9.16 2.23
CA ALA A 74 3.27 -8.73 3.50
C ALA A 74 4.35 -8.14 4.43
N ILE A 75 5.47 -8.82 4.56
CA ILE A 75 6.59 -8.37 5.45
C ILE A 75 7.14 -7.06 4.89
N PHE A 76 7.42 -6.98 3.58
CA PHE A 76 8.09 -5.77 3.04
C PHE A 76 7.19 -4.55 3.26
N LEU A 77 5.93 -4.63 2.81
CA LEU A 77 5.03 -3.47 2.85
C LEU A 77 4.74 -3.09 4.30
N THR A 78 4.53 -4.08 5.19
CA THR A 78 4.09 -3.81 6.58
C THR A 78 5.22 -3.11 7.35
N TYR A 79 6.45 -3.62 7.27
CA TYR A 79 7.59 -3.01 8.01
C TYR A 79 7.99 -1.69 7.36
N ALA A 80 7.86 -1.54 6.05
CA ALA A 80 8.15 -0.23 5.43
C ALA A 80 7.17 0.80 6.00
N ALA A 81 5.87 0.49 5.95
CA ALA A 81 4.81 1.39 6.46
C ALA A 81 5.10 1.72 7.92
N HIS A 82 5.46 0.71 8.71
CA HIS A 82 5.61 0.85 10.17
C HIS A 82 6.83 1.75 10.48
N LEU A 83 7.95 1.55 9.79
CA LEU A 83 9.17 2.37 10.00
C LEU A 83 8.86 3.85 9.77
N VAL A 84 8.08 4.20 8.75
CA VAL A 84 7.91 5.63 8.38
C VAL A 84 6.65 6.24 9.00
N ASP A 85 5.65 5.44 9.38
CA ASP A 85 4.29 5.94 9.75
C ASP A 85 3.85 5.44 11.13
N GLY A 86 4.54 4.43 11.66
CA GLY A 86 4.14 3.74 12.90
C GLY A 86 4.99 4.17 14.07
N ASN A 87 4.57 3.79 15.27
CA ASN A 87 5.27 4.06 16.54
C ASN A 87 6.14 2.84 16.86
N LEU A 88 7.46 2.99 16.79
CA LEU A 88 8.40 1.85 16.86
C LEU A 88 8.55 1.41 18.32
N ILE A 89 8.23 2.28 19.28
CA ILE A 89 8.33 1.93 20.73
C ILE A 89 7.08 1.15 21.14
N THR A 90 5.89 1.60 20.75
CA THR A 90 4.60 0.94 21.14
C THR A 90 4.28 -0.22 20.19
N ASP A 91 4.94 -0.28 19.03
CA ASP A 91 4.71 -1.31 17.97
C ASP A 91 3.29 -1.16 17.40
N LEU A 92 2.77 0.06 17.32
CA LEU A 92 1.40 0.32 16.78
C LEU A 92 1.46 1.22 15.55
N LEU A 93 0.61 0.92 14.57
CA LEU A 93 0.48 1.69 13.31
C LEU A 93 -1.00 1.98 13.07
N SER A 94 -1.33 3.23 12.77
CA SER A 94 -2.66 3.63 12.26
C SER A 94 -2.75 3.34 10.77
N ILE A 95 -3.84 2.69 10.34
CA ILE A 95 -4.06 2.44 8.89
C ILE A 95 -4.63 3.71 8.24
N GLY A 96 -4.79 4.81 8.98
CA GLY A 96 -5.26 6.08 8.39
C GLY A 96 -4.60 7.27 9.07
N ARG A 97 -5.41 8.10 9.72
CA ARG A 97 -4.95 9.41 10.26
CA ARG A 97 -4.93 9.41 10.24
C ARG A 97 -4.01 9.22 11.46
N LYS A 98 -3.25 10.27 11.74
CA LYS A 98 -2.44 10.38 12.97
C LYS A 98 -3.41 10.26 14.14
N THR A 99 -3.02 9.52 15.18
CA THR A 99 -3.86 9.29 16.37
C THR A 99 -2.98 9.16 17.60
N ARG A 100 -3.44 9.70 18.74
CA ARG A 100 -2.79 9.49 20.05
C ARG A 100 -2.86 8.01 20.44
N LEU A 101 -3.69 7.21 19.75
CA LEU A 101 -3.83 5.77 20.09
C LEU A 101 -2.55 4.99 19.76
N THR A 102 -1.59 5.54 19.00
CA THR A 102 -0.31 4.83 18.73
C THR A 102 0.68 5.11 19.87
N GLY A 103 0.32 5.97 20.82
CA GLY A 103 1.08 6.20 22.06
C GLY A 103 1.95 7.46 21.99
N PRO A 104 2.83 7.65 23.00
CA PRO A 104 3.71 8.82 23.06
C PRO A 104 4.63 8.90 21.83
N ASP A 105 4.67 10.06 21.17
CA ASP A 105 5.42 10.26 19.90
C ASP A 105 6.93 10.33 20.15
N PRO A 106 7.75 9.92 19.17
CA PRO A 106 9.18 10.20 19.19
C PRO A 106 9.39 11.68 18.89
N PRO A 107 10.62 12.20 19.04
CA PRO A 107 10.90 13.59 18.70
C PRO A 107 10.82 13.86 17.21
N PRO A 108 10.58 15.11 16.77
CA PRO A 108 10.68 15.45 15.36
C PRO A 108 12.11 15.20 14.93
N PRO A 109 12.39 14.98 13.62
CA PRO A 109 11.38 15.13 12.57
C PRO A 109 10.48 13.90 12.27
N ALA A 110 10.47 12.89 13.14
CA ALA A 110 9.59 11.70 12.94
C ALA A 110 8.14 12.17 13.12
N SER A 111 7.23 11.75 12.24
CA SER A 111 5.84 12.26 12.18
C SER A 111 4.85 11.28 12.81
N VAL A 112 5.11 9.97 12.76
CA VAL A 112 4.19 8.87 13.18
C VAL A 112 2.77 9.25 12.75
N GLY A 113 2.60 9.49 11.45
CA GLY A 113 1.40 10.12 10.88
C GLY A 113 0.34 9.13 10.41
N GLY A 114 0.56 7.84 10.61
CA GLY A 114 -0.33 6.79 10.07
C GLY A 114 -0.19 6.70 8.57
N LEU A 115 -0.90 5.76 7.96
CA LEU A 115 -0.81 5.56 6.49
C LEU A 115 -1.26 6.82 5.72
N ASN A 116 -2.03 7.72 6.34
CA ASN A 116 -2.44 8.98 5.67
C ASN A 116 -1.26 9.92 5.41
N GLU A 117 -0.12 9.74 6.07
CA GLU A 117 1.01 10.69 5.94
C GLU A 117 1.49 10.71 4.47
N HIS A 118 1.43 11.85 3.82
CA HIS A 118 1.83 11.98 2.41
C HIS A 118 3.35 11.89 2.29
N GLY A 119 3.84 11.13 1.33
CA GLY A 119 5.23 11.20 0.87
C GLY A 119 6.15 10.29 1.64
N THR A 120 5.61 9.51 2.60
CA THR A 120 6.35 8.42 3.29
C THR A 120 6.03 7.10 2.57
N PHE A 121 4.82 6.59 2.72
CA PHE A 121 4.34 5.41 1.96
C PHE A 121 3.34 5.93 0.93
N GLU A 122 2.28 6.57 1.41
CA GLU A 122 1.18 7.08 0.56
C GLU A 122 1.75 8.06 -0.48
N GLY A 123 1.20 8.08 -1.68
CA GLY A 123 1.57 9.12 -2.64
C GLY A 123 0.63 9.27 -3.82
N ASP A 124 1.10 10.03 -4.80
CA ASP A 124 0.25 10.60 -5.88
C ASP A 124 -0.15 9.53 -6.90
N ALA A 125 -1.12 9.90 -7.74
CA ALA A 125 -1.66 9.11 -8.87
C ALA A 125 -2.27 7.80 -8.33
N SER A 126 -2.90 7.87 -7.15
CA SER A 126 -3.77 6.79 -6.65
C SER A 126 -5.00 6.65 -7.57
N MET A 127 -5.62 5.47 -7.61
CA MET A 127 -6.74 5.20 -8.57
C MET A 127 -8.03 5.84 -8.06
N THR A 128 -8.33 5.68 -6.77
CA THR A 128 -9.65 6.05 -6.19
C THR A 128 -9.52 7.10 -5.08
N ARG A 129 -8.28 7.53 -4.76
CA ARG A 129 -7.99 8.63 -3.80
C ARG A 129 -7.31 9.78 -4.55
N GLY A 130 -7.59 11.02 -4.17
CA GLY A 130 -6.95 12.19 -4.80
C GLY A 130 -5.53 12.41 -4.29
N ASP A 131 -4.75 13.14 -5.07
CA ASP A 131 -3.41 13.57 -4.61
C ASP A 131 -3.55 14.47 -3.37
N ALA A 132 -2.59 14.39 -2.47
CA ALA A 132 -2.59 15.18 -1.22
C ALA A 132 -2.71 16.69 -1.53
N PHE A 133 -2.14 17.16 -2.65
CA PHE A 133 -2.17 18.59 -3.04
C PHE A 133 -3.63 19.06 -3.15
N PHE A 134 -4.56 18.16 -3.46
CA PHE A 134 -5.98 18.54 -3.74
C PHE A 134 -6.83 18.45 -2.46
N GLY A 135 -6.22 18.10 -1.32
CA GLY A 135 -6.84 18.29 0.01
C GLY A 135 -7.22 16.99 0.74
N ASN A 136 -7.18 15.84 0.08
CA ASN A 136 -7.62 14.58 0.73
C ASN A 136 -7.00 13.35 0.04
N ASN A 137 -6.00 12.75 0.67
CA ASN A 137 -5.25 11.63 0.04
C ASN A 137 -5.79 10.27 0.54
N HIS A 138 -6.93 10.21 1.23
CA HIS A 138 -7.29 8.96 1.97
C HIS A 138 -8.75 8.54 1.74
N ASP A 139 -9.69 9.47 1.54
CA ASP A 139 -11.11 9.08 1.46
C ASP A 139 -11.37 8.54 0.04
N PHE A 140 -12.28 7.59 -0.06
CA PHE A 140 -12.85 7.18 -1.36
C PHE A 140 -13.38 8.41 -2.10
N ASN A 141 -13.12 8.48 -3.40
CA ASN A 141 -13.53 9.57 -4.30
C ASN A 141 -14.39 8.99 -5.42
N GLU A 142 -15.65 9.43 -5.48
CA GLU A 142 -16.68 8.87 -6.40
C GLU A 142 -16.30 9.21 -7.85
N THR A 143 -15.84 10.42 -8.12
CA THR A 143 -15.46 10.85 -9.48
C THR A 143 -14.33 9.95 -9.98
N LEU A 144 -13.32 9.69 -9.15
CA LEU A 144 -12.18 8.84 -9.56
C LEU A 144 -12.64 7.39 -9.69
N PHE A 145 -13.52 6.93 -8.82
CA PHE A 145 -14.07 5.55 -8.95
C PHE A 145 -14.83 5.45 -10.27
N GLU A 146 -15.60 6.46 -10.66
CA GLU A 146 -16.39 6.42 -11.91
C GLU A 146 -15.44 6.40 -13.13
N GLN A 147 -14.27 7.01 -13.01
CA GLN A 147 -13.23 6.90 -14.06
C GLN A 147 -12.70 5.45 -14.09
N LEU A 148 -12.51 4.79 -12.94
CA LEU A 148 -12.11 3.36 -12.91
C LEU A 148 -13.19 2.54 -13.64
N VAL A 149 -14.46 2.83 -13.39
CA VAL A 149 -15.60 2.10 -14.02
C VAL A 149 -15.54 2.32 -15.53
N ASP A 150 -15.33 3.57 -15.96
CA ASP A 150 -15.27 3.93 -17.39
C ASP A 150 -14.11 3.19 -18.06
N TYR A 151 -12.93 3.14 -17.44
CA TYR A 151 -11.74 2.41 -17.97
C TYR A 151 -12.04 0.91 -18.01
N SER A 152 -12.76 0.38 -17.02
CA SER A 152 -13.18 -1.04 -16.99
C SER A 152 -14.12 -1.34 -18.15
N ASN A 153 -15.03 -0.41 -18.45
CA ASN A 153 -15.99 -0.55 -19.57
C ASN A 153 -15.26 -0.50 -20.90
N ARG A 154 -14.23 0.34 -21.03
CA ARG A 154 -13.52 0.57 -22.31
C ARG A 154 -12.50 -0.54 -22.57
N PHE A 155 -11.79 -1.03 -21.55
CA PHE A 155 -10.60 -1.90 -21.75
C PHE A 155 -10.79 -3.29 -21.13
N GLY A 156 -11.86 -3.51 -20.36
CA GLY A 156 -12.05 -4.77 -19.60
C GLY A 156 -13.41 -5.39 -19.80
N GLY A 157 -14.15 -4.98 -20.84
CA GLY A 157 -15.52 -5.48 -21.08
C GLY A 157 -16.41 -5.30 -19.85
N GLY A 158 -16.16 -4.26 -19.05
CA GLY A 158 -16.97 -3.96 -17.86
C GLY A 158 -16.35 -4.45 -16.57
N LYS A 159 -15.22 -5.19 -16.64
CA LYS A 159 -14.49 -5.71 -15.45
C LYS A 159 -13.14 -5.00 -15.33
N TYR A 160 -12.61 -4.92 -14.12
CA TYR A 160 -11.23 -4.44 -13.89
C TYR A 160 -10.27 -5.62 -14.06
N ASN A 161 -9.33 -5.52 -14.99
CA ASN A 161 -8.27 -6.55 -15.17
C ASN A 161 -6.93 -5.85 -15.42
N LEU A 162 -5.86 -6.60 -15.64
CA LEU A 162 -4.51 -5.97 -15.78
C LEU A 162 -4.47 -5.04 -17.00
N THR A 163 -5.26 -5.28 -18.05
CA THR A 163 -5.29 -4.37 -19.22
C THR A 163 -5.86 -3.01 -18.78
N VAL A 164 -6.94 -3.04 -18.02
CA VAL A 164 -7.54 -1.81 -17.46
C VAL A 164 -6.50 -1.13 -16.57
N ALA A 165 -5.86 -1.89 -15.69
CA ALA A 165 -4.83 -1.37 -14.76
C ALA A 165 -3.74 -0.62 -15.56
N GLY A 166 -3.25 -1.18 -16.66
CA GLY A 166 -2.20 -0.54 -17.49
C GLY A 166 -2.68 0.81 -18.04
N GLU A 167 -3.94 0.90 -18.46
CA GLU A 167 -4.45 2.15 -19.04
C GLU A 167 -4.74 3.18 -17.94
N LEU A 168 -5.32 2.76 -16.81
CA LEU A 168 -5.73 3.71 -15.73
C LEU A 168 -4.50 4.22 -14.97
N ARG A 169 -3.52 3.36 -14.75
CA ARG A 169 -2.25 3.74 -14.09
C ARG A 169 -1.67 4.93 -14.86
N PHE A 170 -1.58 4.80 -16.18
CA PHE A 170 -1.02 5.87 -17.04
C PHE A 170 -1.91 7.12 -17.01
N LYS A 171 -3.23 6.95 -17.11
N LYS A 171 -3.23 6.95 -17.13
CA LYS A 171 -4.18 8.09 -17.10
CA LYS A 171 -4.20 8.08 -17.10
C LYS A 171 -3.97 8.89 -15.81
C LYS A 171 -3.98 8.88 -15.82
N ARG A 172 -3.81 8.19 -14.67
CA ARG A 172 -3.70 8.88 -13.35
C ARG A 172 -2.37 9.64 -13.28
N ILE A 173 -1.29 9.06 -13.81
CA ILE A 173 0.00 9.79 -13.89
C ILE A 173 -0.17 11.05 -14.75
N GLN A 174 -0.82 10.95 -15.91
N GLN A 174 -0.81 10.93 -15.92
CA GLN A 174 -0.97 12.10 -16.84
CA GLN A 174 -1.05 12.05 -16.87
C GLN A 174 -1.88 13.17 -16.19
C GLN A 174 -1.86 13.14 -16.16
N ASP A 175 -2.88 12.74 -15.43
CA ASP A 175 -3.79 13.66 -14.70
C ASP A 175 -2.99 14.41 -13.63
N SER A 176 -2.17 13.72 -12.85
CA SER A 176 -1.30 14.40 -11.84
C SER A 176 -0.33 15.36 -12.55
N ILE A 177 0.26 14.96 -13.67
CA ILE A 177 1.24 15.86 -14.36
C ILE A 177 0.52 17.14 -14.77
N ALA A 178 -0.72 17.01 -15.25
CA ALA A 178 -1.49 18.12 -15.85
C ALA A 178 -2.04 19.08 -14.80
N THR A 179 -2.17 18.67 -13.53
CA THR A 179 -2.97 19.41 -12.51
C THR A 179 -2.25 19.57 -11.16
N ASN A 180 -1.27 18.74 -10.84
CA ASN A 180 -0.61 18.78 -9.51
C ASN A 180 0.81 19.32 -9.68
N PRO A 181 1.07 20.62 -9.38
CA PRO A 181 2.41 21.19 -9.60
C PRO A 181 3.49 20.58 -8.69
N ASN A 182 3.07 19.82 -7.67
CA ASN A 182 3.97 19.16 -6.70
C ASN A 182 4.01 17.64 -6.94
N PHE A 183 3.44 17.16 -8.04
CA PHE A 183 3.43 15.71 -8.37
C PHE A 183 4.81 15.09 -8.17
N SER A 184 4.88 14.02 -7.38
CA SER A 184 6.12 13.25 -7.11
C SER A 184 5.91 11.79 -7.45
N PHE A 185 6.79 11.21 -8.27
CA PHE A 185 6.61 9.82 -8.75
C PHE A 185 7.99 9.17 -8.87
N VAL A 186 8.66 9.01 -7.73
CA VAL A 186 10.05 8.49 -7.64
C VAL A 186 10.12 7.39 -6.58
N ASP A 187 11.18 6.60 -6.66
CA ASP A 187 11.63 5.68 -5.59
C ASP A 187 10.44 4.83 -5.10
N PHE A 188 10.13 4.86 -3.81
CA PHE A 188 9.18 3.88 -3.20
C PHE A 188 7.80 4.03 -3.85
N ARG A 189 7.32 5.26 -4.03
CA ARG A 189 5.98 5.47 -4.62
C ARG A 189 5.98 4.97 -6.07
N PHE A 190 7.05 5.18 -6.82
CA PHE A 190 7.14 4.71 -8.23
C PHE A 190 6.90 3.19 -8.22
N PHE A 191 7.51 2.44 -7.31
CA PHE A 191 7.34 0.97 -7.26
C PHE A 191 5.92 0.61 -6.84
N THR A 192 5.47 1.14 -5.70
CA THR A 192 4.21 0.71 -5.05
C THR A 192 3.01 1.09 -5.90
N ALA A 193 3.04 2.24 -6.61
CA ALA A 193 1.92 2.71 -7.46
C ALA A 193 1.62 1.69 -8.56
N TYR A 194 2.63 1.01 -9.11
CA TYR A 194 2.40 -0.02 -10.17
C TYR A 194 1.84 -1.30 -9.53
N GLY A 195 2.44 -1.75 -8.45
CA GLY A 195 1.99 -2.98 -7.78
C GLY A 195 0.54 -2.88 -7.32
N GLU A 196 0.16 -1.75 -6.73
CA GLU A 196 -1.20 -1.57 -6.17
C GLU A 196 -2.23 -1.75 -7.26
N THR A 197 -1.93 -1.40 -8.51
CA THR A 197 -2.94 -1.52 -9.59
C THR A 197 -3.24 -3.00 -9.88
N THR A 198 -2.36 -3.93 -9.53
CA THR A 198 -2.62 -5.38 -9.75
C THR A 198 -3.47 -5.95 -8.62
N PHE A 199 -3.42 -5.36 -7.43
CA PHE A 199 -4.03 -5.99 -6.22
C PHE A 199 -5.52 -6.23 -6.43
N PRO A 200 -6.33 -5.34 -7.06
CA PRO A 200 -7.76 -5.64 -7.22
C PRO A 200 -8.00 -6.88 -8.10
N ALA A 201 -7.18 -7.07 -9.15
CA ALA A 201 -7.29 -8.23 -10.08
C ALA A 201 -6.83 -9.52 -9.40
N ASN A 202 -5.87 -9.43 -8.47
CA ASN A 202 -5.22 -10.62 -7.87
C ASN A 202 -5.90 -11.02 -6.55
N LEU A 203 -6.49 -10.07 -5.84
CA LEU A 203 -6.88 -10.30 -4.42
C LEU A 203 -8.36 -9.96 -4.15
N PHE A 204 -9.01 -9.12 -4.95
CA PHE A 204 -10.45 -8.78 -4.73
C PHE A 204 -11.36 -9.67 -5.59
N VAL A 205 -10.77 -10.52 -6.42
CA VAL A 205 -11.52 -11.50 -7.26
C VAL A 205 -11.75 -12.77 -6.42
N ASP A 206 -13.00 -13.21 -6.31
CA ASP A 206 -13.38 -14.42 -5.54
C ASP A 206 -12.44 -15.56 -5.92
N GLY A 207 -11.85 -16.25 -4.95
CA GLY A 207 -10.83 -17.28 -5.17
C GLY A 207 -11.33 -18.51 -5.90
N ARG A 208 -12.66 -18.72 -6.00
CA ARG A 208 -13.23 -19.86 -6.76
C ARG A 208 -13.12 -19.59 -8.26
N ARG A 209 -13.01 -18.32 -8.66
CA ARG A 209 -12.85 -17.92 -10.09
C ARG A 209 -11.37 -17.65 -10.34
N ASP A 210 -10.75 -16.77 -9.54
CA ASP A 210 -9.32 -16.36 -9.66
C ASP A 210 -8.95 -16.09 -11.12
N ASP A 211 -9.82 -15.41 -11.87
CA ASP A 211 -9.66 -15.22 -13.33
C ASP A 211 -9.14 -13.80 -13.61
N GLY A 212 -8.82 -13.03 -12.59
CA GLY A 212 -8.26 -11.67 -12.78
C GLY A 212 -9.28 -10.67 -13.29
N GLN A 213 -10.58 -10.97 -13.23
CA GLN A 213 -11.64 -10.08 -13.80
C GLN A 213 -12.56 -9.59 -12.68
N LEU A 214 -12.31 -8.39 -12.16
CA LEU A 214 -13.05 -7.88 -10.98
C LEU A 214 -14.32 -7.17 -11.45
N ASP A 215 -15.49 -7.61 -10.99
CA ASP A 215 -16.76 -6.91 -11.32
C ASP A 215 -16.84 -5.61 -10.51
N MET A 216 -17.60 -4.65 -11.06
CA MET A 216 -17.71 -3.28 -10.48
C MET A 216 -18.51 -3.27 -9.18
N ASP A 217 -19.44 -4.22 -8.97
CA ASP A 217 -20.14 -4.30 -7.66
C ASP A 217 -19.16 -4.66 -6.56
N ALA A 218 -18.35 -5.70 -6.77
CA ALA A 218 -17.27 -6.09 -5.83
C ALA A 218 -16.28 -4.93 -5.69
N ALA A 219 -15.89 -4.28 -6.78
CA ALA A 219 -14.89 -3.18 -6.74
C ALA A 219 -15.44 -2.09 -5.79
N ARG A 220 -16.70 -1.71 -5.95
CA ARG A 220 -17.25 -0.60 -5.13
C ARG A 220 -17.31 -1.06 -3.68
N SER A 221 -17.69 -2.30 -3.44
CA SER A 221 -17.83 -2.87 -2.07
C SER A 221 -16.49 -2.74 -1.34
N PHE A 222 -15.37 -3.13 -1.96
CA PHE A 222 -14.03 -3.01 -1.34
C PHE A 222 -13.60 -1.54 -1.26
N PHE A 223 -13.58 -0.83 -2.39
CA PHE A 223 -12.95 0.52 -2.50
C PHE A 223 -13.69 1.58 -1.69
N GLN A 224 -15.02 1.52 -1.65
CA GLN A 224 -15.86 2.55 -0.96
C GLN A 224 -16.22 2.07 0.44
N PHE A 225 -16.76 0.85 0.58
CA PHE A 225 -17.40 0.42 1.86
C PHE A 225 -16.50 -0.48 2.70
N SER A 226 -15.29 -0.80 2.23
CA SER A 226 -14.36 -1.66 2.99
C SER A 226 -15.06 -2.98 3.33
N ARG A 227 -15.78 -3.53 2.37
CA ARG A 227 -16.75 -4.62 2.62
C ARG A 227 -16.54 -5.75 1.63
N MET A 228 -16.29 -6.96 2.12
CA MET A 228 -16.23 -8.18 1.25
C MET A 228 -17.62 -8.44 0.69
N PRO A 229 -17.73 -8.85 -0.60
CA PRO A 229 -18.98 -9.38 -1.12
C PRO A 229 -19.53 -10.50 -0.23
N ASP A 230 -20.85 -10.61 -0.14
CA ASP A 230 -21.50 -11.76 0.55
C ASP A 230 -20.90 -13.04 -0.06
N ASP A 231 -20.43 -13.94 0.79
CA ASP A 231 -19.89 -15.27 0.42
C ASP A 231 -18.51 -15.15 -0.24
N PHE A 232 -17.77 -14.06 -0.01
CA PHE A 232 -16.43 -13.89 -0.61
C PHE A 232 -15.46 -14.98 -0.14
N PHE A 233 -14.87 -15.69 -1.10
CA PHE A 233 -13.71 -16.60 -0.91
C PHE A 233 -12.43 -15.85 -1.24
N ARG A 234 -11.42 -15.99 -0.39
CA ARG A 234 -10.08 -15.43 -0.67
C ARG A 234 -9.47 -16.18 -1.86
N ALA A 235 -8.43 -15.58 -2.46
CA ALA A 235 -7.59 -16.18 -3.50
C ALA A 235 -7.13 -17.58 -3.08
N PRO A 236 -6.94 -18.49 -4.06
CA PRO A 236 -6.64 -19.89 -3.80
C PRO A 236 -5.15 -20.22 -3.51
N SER A 237 -4.29 -19.20 -3.59
CA SER A 237 -2.84 -19.34 -3.33
C SER A 237 -2.26 -17.98 -2.95
N PRO A 238 -1.07 -17.94 -2.31
CA PRO A 238 -0.45 -16.67 -1.94
C PRO A 238 -0.01 -15.90 -3.18
N ARG A 239 -0.33 -14.60 -3.21
CA ARG A 239 0.16 -13.71 -4.28
C ARG A 239 0.08 -12.26 -3.82
N SER A 240 0.72 -11.39 -4.57
CA SER A 240 0.63 -9.93 -4.36
C SER A 240 0.56 -9.26 -5.73
N GLY A 241 1.72 -9.02 -6.35
CA GLY A 241 1.81 -8.13 -7.52
C GLY A 241 2.03 -8.86 -8.83
N THR A 242 1.79 -10.16 -8.91
N THR A 242 1.69 -10.15 -8.90
CA THR A 242 2.00 -10.89 -10.19
CA THR A 242 1.67 -10.95 -10.16
C THR A 242 1.12 -10.25 -11.27
C THR A 242 1.05 -10.11 -11.28
N GLY A 243 1.72 -9.94 -12.42
CA GLY A 243 1.07 -9.25 -13.55
C GLY A 243 1.46 -7.78 -13.63
N VAL A 244 2.22 -7.27 -12.67
CA VAL A 244 2.71 -5.86 -12.69
C VAL A 244 3.48 -5.61 -14.00
N GLU A 245 4.11 -6.64 -14.58
CA GLU A 245 4.86 -6.45 -15.84
C GLU A 245 3.91 -5.98 -16.95
N VAL A 246 2.65 -6.44 -16.95
CA VAL A 246 1.65 -6.05 -17.99
C VAL A 246 1.31 -4.57 -17.84
N VAL A 247 1.14 -4.12 -16.60
CA VAL A 247 0.79 -2.70 -16.29
C VAL A 247 1.94 -1.80 -16.75
N VAL A 248 3.18 -2.14 -16.44
CA VAL A 248 4.35 -1.30 -16.85
C VAL A 248 4.44 -1.28 -18.38
N GLN A 249 4.34 -2.45 -19.00
CA GLN A 249 4.56 -2.62 -20.46
C GLN A 249 3.56 -1.75 -21.24
N ALA A 250 2.36 -1.53 -20.69
CA ALA A 250 1.28 -0.78 -21.38
C ALA A 250 1.76 0.64 -21.68
N HIS A 251 2.47 1.25 -20.73
CA HIS A 251 2.93 2.67 -20.82
C HIS A 251 4.18 2.88 -19.98
N PRO A 252 5.36 2.39 -20.41
CA PRO A 252 6.55 2.51 -19.58
C PRO A 252 6.86 3.99 -19.28
N MET A 253 7.12 4.27 -18.01
CA MET A 253 7.36 5.61 -17.47
C MET A 253 8.72 5.63 -16.78
N GLN A 254 9.40 6.77 -16.84
CA GLN A 254 10.59 7.03 -16.00
C GLN A 254 10.15 7.71 -14.73
N PRO A 255 10.86 7.50 -13.60
CA PRO A 255 10.58 8.19 -12.35
C PRO A 255 10.93 9.68 -12.47
N GLY A 256 10.13 10.54 -11.84
CA GLY A 256 10.36 11.99 -11.89
C GLY A 256 9.31 12.74 -11.11
N ARG A 257 9.26 14.04 -11.31
CA ARG A 257 8.33 14.90 -10.55
C ARG A 257 8.02 16.13 -11.38
N ASN A 258 6.87 16.73 -11.13
CA ASN A 258 6.68 18.14 -11.53
C ASN A 258 7.60 18.99 -10.66
N VAL A 259 8.06 20.13 -11.16
CA VAL A 259 9.10 20.95 -10.47
C VAL A 259 8.47 22.28 -10.04
N GLY A 260 7.32 22.21 -9.37
CA GLY A 260 6.60 23.37 -8.79
C GLY A 260 5.62 24.00 -9.75
N LYS A 261 5.43 23.43 -10.93
CA LYS A 261 4.43 23.90 -11.93
C LYS A 261 3.78 22.68 -12.58
N ILE A 262 2.55 22.83 -13.07
CA ILE A 262 1.91 21.78 -13.91
C ILE A 262 2.72 21.59 -15.19
N ASN A 263 2.62 20.39 -15.78
CA ASN A 263 3.21 20.07 -17.11
C ASN A 263 4.70 20.41 -17.11
N SER A 264 5.42 20.01 -16.06
CA SER A 264 6.89 20.20 -15.91
C SER A 264 7.57 18.89 -15.49
N TYR A 265 7.02 17.74 -15.90
CA TYR A 265 7.49 16.43 -15.41
C TYR A 265 8.96 16.27 -15.83
N THR A 266 9.83 16.16 -14.84
CA THR A 266 11.30 16.15 -15.01
C THR A 266 11.84 14.84 -14.43
N VAL A 267 12.51 14.04 -15.25
CA VAL A 267 13.04 12.73 -14.82
C VAL A 267 14.13 12.96 -13.77
N ASP A 268 14.15 12.10 -12.75
CA ASP A 268 15.13 12.14 -11.64
C ASP A 268 16.09 10.98 -11.80
N PRO A 269 17.32 11.22 -12.31
CA PRO A 269 18.29 10.14 -12.50
C PRO A 269 18.86 9.56 -11.18
N THR A 270 18.58 10.18 -10.04
N THR A 270 18.60 10.16 -10.03
CA THR A 270 18.99 9.71 -8.70
CA THR A 270 19.03 9.59 -8.71
C THR A 270 17.96 8.70 -8.18
C THR A 270 17.94 8.68 -8.15
N SER A 271 16.76 8.67 -8.76
CA SER A 271 15.70 7.71 -8.39
C SER A 271 16.11 6.30 -8.78
N SER A 272 15.65 5.34 -7.98
CA SER A 272 15.58 3.92 -8.39
C SER A 272 14.50 3.81 -9.47
N ASP A 273 14.56 2.75 -10.26
CA ASP A 273 13.46 2.38 -11.20
C ASP A 273 13.42 0.87 -11.18
N PHE A 274 12.66 0.24 -12.07
CA PHE A 274 12.52 -1.23 -12.06
C PHE A 274 13.84 -1.92 -12.39
N SER A 275 14.83 -1.22 -12.95
CA SER A 275 16.14 -1.82 -13.28
C SER A 275 17.03 -1.87 -12.03
N THR A 276 16.68 -1.14 -10.98
CA THR A 276 17.50 -1.01 -9.75
C THR A 276 16.64 -1.21 -8.51
N PRO A 277 16.05 -2.41 -8.32
CA PRO A 277 15.20 -2.66 -7.17
C PRO A 277 15.93 -2.57 -5.83
N CYS A 278 17.19 -3.02 -5.77
CA CYS A 278 17.98 -2.93 -4.53
C CYS A 278 18.19 -1.47 -4.13
N LEU A 279 18.37 -0.56 -5.10
CA LEU A 279 18.55 0.89 -4.81
C LEU A 279 17.31 1.45 -4.12
N MET A 280 16.11 1.01 -4.52
N MET A 280 16.12 1.01 -4.52
CA MET A 280 14.83 1.43 -3.90
CA MET A 280 14.84 1.47 -3.89
C MET A 280 14.88 1.13 -2.40
C MET A 280 14.88 1.12 -2.40
N TYR A 281 15.30 -0.10 -2.04
CA TYR A 281 15.44 -0.54 -0.63
C TYR A 281 16.51 0.33 0.06
N GLU A 282 17.67 0.50 -0.56
CA GLU A 282 18.79 1.24 0.07
C GLU A 282 18.38 2.70 0.34
N LYS A 283 17.72 3.35 -0.62
CA LYS A 283 17.33 4.77 -0.45
C LYS A 283 16.24 4.85 0.61
N PHE A 284 15.35 3.87 0.67
CA PHE A 284 14.23 3.87 1.63
C PHE A 284 14.84 3.90 3.04
N VAL A 285 15.83 3.07 3.28
CA VAL A 285 16.49 2.97 4.61
C VAL A 285 17.41 4.17 4.83
N ASN A 286 18.31 4.46 3.87
CA ASN A 286 19.40 5.44 4.08
C ASN A 286 18.90 6.87 4.08
N ILE A 287 17.87 7.17 3.28
CA ILE A 287 17.35 8.55 3.09
C ILE A 287 16.02 8.69 3.83
N THR A 288 14.99 7.89 3.50
CA THR A 288 13.62 8.10 4.04
C THR A 288 13.58 7.81 5.56
N VAL A 289 13.94 6.61 5.99
CA VAL A 289 13.88 6.25 7.44
C VAL A 289 14.88 7.12 8.22
N LYS A 290 16.11 7.22 7.75
CA LYS A 290 17.18 7.96 8.45
C LYS A 290 16.76 9.43 8.64
N SER A 291 16.08 10.02 7.67
CA SER A 291 15.61 11.44 7.72
C SER A 291 14.59 11.63 8.86
N LEU A 292 13.79 10.60 9.16
CA LEU A 292 12.78 10.65 10.25
C LEU A 292 13.44 10.44 11.60
N TYR A 293 14.53 9.67 11.65
CA TYR A 293 15.27 9.30 12.87
C TYR A 293 16.77 9.49 12.66
N PRO A 294 17.24 10.76 12.53
CA PRO A 294 18.64 11.02 12.22
C PRO A 294 19.63 10.65 13.33
N ASN A 295 19.25 10.82 14.60
CA ASN A 295 20.15 10.54 15.75
C ASN A 295 19.29 9.99 16.90
N PRO A 296 18.78 8.76 16.77
CA PRO A 296 17.86 8.19 17.76
C PRO A 296 18.51 7.86 19.10
N THR A 297 17.76 8.03 20.19
CA THR A 297 18.16 7.61 21.55
C THR A 297 18.19 6.08 21.61
N VAL A 298 18.74 5.54 22.70
CA VAL A 298 19.10 4.09 22.83
C VAL A 298 17.90 3.20 22.49
N GLN A 299 16.71 3.49 23.04
CA GLN A 299 15.53 2.58 22.94
C GLN A 299 14.98 2.62 21.52
N LEU A 300 14.96 3.80 20.88
CA LEU A 300 14.48 3.99 19.49
C LEU A 300 15.43 3.30 18.52
N ARG A 301 16.74 3.49 18.71
CA ARG A 301 17.79 2.86 17.86
C ARG A 301 17.55 1.35 17.84
N LYS A 302 17.34 0.76 19.01
CA LYS A 302 17.10 -0.69 19.14
C LYS A 302 15.84 -1.09 18.36
N ALA A 303 14.73 -0.35 18.54
CA ALA A 303 13.46 -0.62 17.83
C ALA A 303 13.65 -0.43 16.31
N LEU A 304 14.38 0.61 15.89
CA LEU A 304 14.68 0.83 14.45
C LEU A 304 15.43 -0.39 13.89
N ASN A 305 16.52 -0.80 14.55
CA ASN A 305 17.38 -1.92 14.06
C ASN A 305 16.55 -3.21 13.97
N THR A 306 15.64 -3.44 14.92
CA THR A 306 14.80 -4.67 14.92
C THR A 306 13.87 -4.62 13.71
N ASN A 307 13.16 -3.51 13.50
CA ASN A 307 12.19 -3.36 12.39
C ASN A 307 12.91 -3.33 11.05
N LEU A 308 14.12 -2.77 10.98
CA LEU A 308 14.93 -2.81 9.73
C LEU A 308 15.34 -4.26 9.41
N ASP A 309 15.67 -5.08 10.41
CA ASP A 309 15.98 -6.52 10.15
C ASP A 309 14.74 -7.21 9.55
N PHE A 310 13.57 -6.95 10.12
CA PHE A 310 12.28 -7.50 9.65
C PHE A 310 12.02 -7.02 8.23
N LEU A 311 12.19 -5.73 7.93
CA LEU A 311 12.02 -5.19 6.55
C LEU A 311 12.88 -6.02 5.59
N PHE A 312 14.14 -6.27 5.94
CA PHE A 312 15.09 -6.96 5.02
C PHE A 312 14.61 -8.39 4.71
N GLN A 313 13.87 -9.03 5.62
CA GLN A 313 13.27 -10.37 5.38
C GLN A 313 12.33 -10.33 4.17
N GLY A 314 11.73 -9.18 3.87
CA GLY A 314 10.77 -9.01 2.75
C GLY A 314 11.46 -8.56 1.47
N VAL A 315 12.76 -8.32 1.51
CA VAL A 315 13.56 -7.82 0.35
C VAL A 315 13.97 -9.01 -0.50
N ALA A 316 13.82 -8.92 -1.82
CA ALA A 316 14.11 -9.99 -2.80
C ALA A 316 15.56 -10.41 -2.62
N ALA A 317 15.82 -11.71 -2.60
CA ALA A 317 17.18 -12.29 -2.51
C ALA A 317 18.08 -11.63 -3.56
N GLY A 318 19.34 -11.40 -3.21
CA GLY A 318 20.33 -10.78 -4.12
C GLY A 318 20.60 -9.32 -3.79
N CYS A 319 19.84 -8.71 -2.87
CA CYS A 319 20.15 -7.38 -2.30
C CYS A 319 20.99 -7.56 -1.03
N THR A 320 21.86 -6.59 -0.78
CA THR A 320 22.73 -6.46 0.42
C THR A 320 21.96 -5.64 1.46
N GLN A 321 21.95 -6.10 2.71
CA GLN A 321 21.35 -5.36 3.85
C GLN A 321 22.23 -4.15 4.18
N VAL A 322 21.62 -2.99 4.42
CA VAL A 322 22.29 -1.72 4.81
C VAL A 322 21.95 -1.43 6.27
N PHE A 323 22.88 -0.80 6.98
CA PHE A 323 22.85 -0.59 8.45
C PHE A 323 23.06 0.88 8.76
N PRO A 324 21.99 1.70 8.74
CA PRO A 324 22.13 3.14 8.97
C PRO A 324 22.50 3.52 10.41
N TYR A 325 22.30 2.62 11.38
CA TYR A 325 22.63 2.83 12.81
C TYR A 325 23.71 1.83 13.25
N GLY A 326 24.44 1.23 12.30
CA GLY A 326 25.43 0.18 12.58
C GLY A 326 24.77 -1.14 12.91
N ARG A 327 25.55 -2.19 13.19
CA ARG A 327 25.03 -3.54 13.54
C ARG A 327 25.03 -3.71 15.06
#